data_6D5R
#
_entry.id   6D5R
#
_cell.length_a   92.920
_cell.length_b   92.920
_cell.length_c   130.122
_cell.angle_alpha   90.000
_cell.angle_beta   90.000
_cell.angle_gamma   120.000
#
_symmetry.space_group_name_H-M   'P 61 2 2'
#
loop_
_entity.id
_entity.type
_entity.pdbx_description
1 polymer Thermolysin
2 non-polymer VALINE
3 non-polymer LYSINE
4 non-polymer 'ZINC ION'
5 non-polymer 'CALCIUM ION'
6 non-polymer beta-D-xylopyranose
7 water water
#
_entity_poly.entity_id   1
_entity_poly.type   'polypeptide(L)'
_entity_poly.pdbx_seq_one_letter_code
;ITGTSTVGVGRGVLGDQKNINTTYSTYYYLQDNTRGNGIFTYDAKYRTTLPGSLWADADNQFFASYDAPAVDAHYYAGVT
YDYYKNVHNRLSYDGNNAAIRSSVHYSQGYNNAFWNGSQMVYGDGDGQTFIPLSGGIDVVAHELTHAVTDYTAGLIYQNE
SGAINEAISDIFGTLVEFYANKNPDWEIGEDVYTPGISGDSLRSMSDPAKYGDPDHYSKRYTGTQDNGGVHINSGIINKA
AYLISQGGTHYGVSVVGIGRDKLGKIFYRALTQYLTPTSNFSQLRAAAVQSATDLYGSTSQEVASVKQAFDAVGVK
;
_entity_poly.pdbx_strand_id   A
#
loop_
_chem_comp.id
_chem_comp.type
_chem_comp.name
_chem_comp.formula
CA non-polymer 'CALCIUM ION' 'Ca 2'
XYP D-saccharide, beta linking beta-D-xylopyranose 'C5 H10 O5'
ZN non-polymer 'ZINC ION' 'Zn 2'
#
# COMPACT_ATOMS: atom_id res chain seq x y z
N ILE A 1 18.67 -15.44 9.36
CA ILE A 1 19.45 -16.41 10.17
C ILE A 1 18.96 -17.83 9.91
N THR A 2 19.82 -18.80 10.17
CA THR A 2 19.46 -20.22 10.07
C THR A 2 18.86 -20.67 11.39
N GLY A 3 17.73 -21.35 11.30
CA GLY A 3 17.05 -21.79 12.50
C GLY A 3 15.85 -22.64 12.12
N THR A 4 14.98 -22.87 13.10
CA THR A 4 13.78 -23.65 12.88
C THR A 4 12.57 -22.74 12.91
N SER A 5 11.65 -22.95 11.96
CA SER A 5 10.47 -22.11 11.85
C SER A 5 9.51 -22.41 12.99
N THR A 6 8.99 -21.36 13.62
CA THR A 6 8.01 -21.51 14.68
C THR A 6 7.03 -20.36 14.61
N VAL A 7 6.11 -20.33 15.56
CA VAL A 7 5.00 -19.39 15.57
C VAL A 7 4.97 -18.70 16.93
N GLY A 8 5.10 -17.38 16.93
CA GLY A 8 4.95 -16.59 18.13
C GLY A 8 3.59 -15.90 18.18
N VAL A 9 3.41 -15.13 19.24
CA VAL A 9 2.16 -14.41 19.45
C VAL A 9 2.48 -13.07 20.12
N GLY A 10 1.67 -12.06 19.80
CA GLY A 10 1.85 -10.76 20.38
C GLY A 10 0.66 -9.88 20.11
N ARG A 11 0.83 -8.59 20.36
CA ARG A 11 -0.21 -7.60 20.09
C ARG A 11 0.34 -6.51 19.19
N GLY A 12 -0.50 -6.05 18.26
CA GLY A 12 -0.14 -4.98 17.35
C GLY A 12 -0.39 -3.60 17.93
N VAL A 13 -0.18 -2.60 17.08
CA VAL A 13 -0.25 -1.20 17.51
C VAL A 13 -1.62 -0.91 18.11
N LEU A 14 -2.68 -1.49 17.54
CA LEU A 14 -4.04 -1.19 17.97
C LEU A 14 -4.51 -2.10 19.10
N GLY A 15 -3.62 -2.91 19.67
CA GLY A 15 -3.98 -3.74 20.80
C GLY A 15 -4.54 -5.11 20.45
N ASP A 16 -4.59 -5.47 19.17
CA ASP A 16 -5.13 -6.75 18.75
C ASP A 16 -4.06 -7.84 18.81
N GLN A 17 -4.46 -9.02 19.25
CA GLN A 17 -3.55 -10.15 19.36
C GLN A 17 -3.51 -10.91 18.04
N LYS A 18 -2.31 -11.33 17.64
CA LYS A 18 -2.14 -12.09 16.41
C LYS A 18 -0.91 -12.97 16.53
N ASN A 19 -0.91 -14.05 15.76
CA ASN A 19 0.24 -14.94 15.65
C ASN A 19 1.14 -14.46 14.52
N ILE A 20 2.45 -14.66 14.71
CA ILE A 20 3.45 -14.26 13.73
CA ILE A 20 3.45 -14.25 13.74
C ILE A 20 4.44 -15.39 13.54
N ASN A 21 4.90 -15.55 12.31
CA ASN A 21 5.90 -16.57 11.98
C ASN A 21 7.28 -16.05 12.36
N THR A 22 7.99 -16.82 13.18
CA THR A 22 9.30 -16.44 13.68
C THR A 22 10.29 -17.57 13.37
N THR A 23 11.56 -17.32 13.68
CA THR A 23 12.64 -18.29 13.50
C THR A 23 13.41 -18.40 14.80
N TYR A 24 13.64 -19.63 15.26
CA TYR A 24 14.28 -19.87 16.53
C TYR A 24 15.74 -20.26 16.31
N SER A 25 16.65 -19.48 16.91
CA SER A 25 18.08 -19.82 16.93
C SER A 25 18.66 -19.01 18.11
N THR A 26 18.68 -19.64 19.28
CA THR A 26 19.01 -18.96 20.53
C THR A 26 17.91 -17.98 20.89
N TYR A 27 17.68 -16.99 20.03
CA TYR A 27 16.56 -16.07 20.16
C TYR A 27 15.48 -16.43 19.15
N TYR A 28 14.31 -15.83 19.34
CA TYR A 28 13.22 -15.90 18.37
C TYR A 28 13.26 -14.65 17.52
N TYR A 29 13.46 -14.81 16.21
CA TYR A 29 13.61 -13.69 15.31
C TYR A 29 12.34 -13.49 14.49
N LEU A 30 12.02 -12.22 14.21
CA LEU A 30 10.93 -11.89 13.31
C LEU A 30 11.39 -12.19 11.89
N GLN A 31 11.40 -13.48 11.58
CA GLN A 31 11.78 -13.99 10.27
C GLN A 31 10.78 -15.07 9.90
N ASP A 32 9.94 -14.78 8.91
CA ASP A 32 8.87 -15.66 8.47
C ASP A 32 9.36 -16.43 7.26
N ASN A 33 9.59 -17.73 7.43
CA ASN A 33 10.11 -18.58 6.37
C ASN A 33 9.01 -19.20 5.52
N THR A 34 7.75 -18.95 5.85
CA THR A 34 6.63 -19.57 5.15
C THR A 34 6.25 -18.86 3.86
N ARG A 35 6.86 -17.72 3.55
CA ARG A 35 6.47 -16.91 2.39
C ARG A 35 7.71 -16.58 1.57
N GLY A 36 7.77 -17.10 0.35
CA GLY A 36 8.87 -16.80 -0.55
C GLY A 36 10.21 -17.09 0.10
N ASN A 37 11.16 -16.19 -0.13
CA ASN A 37 12.46 -16.29 0.48
C ASN A 37 12.54 -15.54 1.82
N GLY A 38 11.41 -15.33 2.45
CA GLY A 38 11.40 -14.85 3.82
C GLY A 38 10.84 -13.45 3.94
N ILE A 39 10.22 -13.18 5.08
CA ILE A 39 9.85 -11.83 5.50
C ILE A 39 10.63 -11.54 6.77
N PHE A 40 11.43 -10.47 6.74
CA PHE A 40 12.37 -10.13 7.79
C PHE A 40 12.03 -8.75 8.33
N THR A 41 11.89 -8.64 9.66
CA THR A 41 11.54 -7.38 10.30
C THR A 41 12.66 -6.98 11.26
N TYR A 42 13.06 -5.72 11.19
CA TYR A 42 14.24 -5.21 11.87
C TYR A 42 13.88 -4.08 12.82
N ASP A 43 14.77 -3.83 13.76
CA ASP A 43 14.64 -2.75 14.73
C ASP A 43 15.66 -1.67 14.40
N ALA A 44 15.18 -0.48 14.05
CA ALA A 44 16.07 0.64 13.82
C ALA A 44 16.48 1.37 15.10
N LYS A 45 15.85 1.04 16.23
CA LYS A 45 16.29 1.49 17.55
C LYS A 45 16.34 3.02 17.63
N TYR A 46 15.36 3.67 17.00
CA TYR A 46 15.19 5.12 17.01
C TYR A 46 16.26 5.86 16.23
N ARG A 47 17.06 5.16 15.44
CA ARG A 47 18.08 5.78 14.61
C ARG A 47 17.68 5.64 13.14
N THR A 48 18.53 6.17 12.25
CA THR A 48 18.23 6.18 10.82
C THR A 48 19.16 5.28 10.02
N THR A 49 20.00 4.49 10.69
N THR A 49 19.98 4.45 10.69
CA THR A 49 20.80 3.49 10.01
CA THR A 49 20.82 3.49 10.01
C THR A 49 19.91 2.30 9.65
C THR A 49 19.99 2.25 9.67
N LEU A 50 19.94 1.89 8.39
CA LEU A 50 19.11 0.80 7.92
C LEU A 50 19.94 -0.41 7.49
N PRO A 51 19.39 -1.62 7.63
CA PRO A 51 18.04 -1.91 8.15
C PRO A 51 17.95 -1.93 9.67
N GLY A 52 19.09 -1.88 10.36
CA GLY A 52 19.12 -2.09 11.79
C GLY A 52 19.39 -3.55 12.13
N SER A 53 18.86 -4.01 13.25
N SER A 53 18.88 -4.02 13.25
CA SER A 53 19.06 -5.37 13.72
CA SER A 53 19.12 -5.39 13.69
C SER A 53 17.82 -6.21 13.47
C SER A 53 17.86 -6.22 13.53
N LEU A 54 18.02 -7.41 12.95
CA LEU A 54 16.90 -8.35 12.82
C LEU A 54 16.27 -8.57 14.19
N TRP A 55 14.95 -8.37 14.26
CA TRP A 55 14.28 -8.31 15.55
C TRP A 55 14.46 -9.60 16.32
N ALA A 56 15.05 -9.51 17.52
CA ALA A 56 15.31 -10.67 18.36
C ALA A 56 14.46 -10.59 19.61
N ASP A 57 13.85 -11.72 19.98
CA ASP A 57 13.01 -11.79 21.16
C ASP A 57 13.34 -13.06 21.93
N ALA A 58 13.33 -12.96 23.26
CA ALA A 58 13.85 -14.04 24.09
C ALA A 58 12.85 -15.18 24.27
N ASP A 59 11.54 -14.90 24.25
CA ASP A 59 10.56 -15.92 24.60
C ASP A 59 9.46 -16.12 23.55
N ASN A 60 9.58 -15.50 22.38
CA ASN A 60 8.61 -15.66 21.30
C ASN A 60 7.25 -15.06 21.64
N GLN A 61 7.18 -14.22 22.66
N GLN A 61 7.19 -14.19 22.64
CA GLN A 61 5.97 -13.50 23.03
CA GLN A 61 5.97 -13.50 23.03
C GLN A 61 6.22 -12.01 22.81
C GLN A 61 6.20 -12.00 22.83
N PHE A 62 5.34 -11.37 22.03
CA PHE A 62 5.56 -9.99 21.63
C PHE A 62 4.43 -9.07 22.10
N PHE A 63 4.27 -8.95 23.42
CA PHE A 63 3.19 -8.15 23.99
C PHE A 63 3.66 -6.82 24.56
N ALA A 64 4.95 -6.51 24.48
CA ALA A 64 5.45 -5.24 24.97
C ALA A 64 5.05 -4.11 24.02
N SER A 65 4.84 -2.93 24.60
N SER A 65 4.83 -2.93 24.59
CA SER A 65 4.52 -1.76 23.79
CA SER A 65 4.53 -1.76 23.78
C SER A 65 5.56 -1.54 22.71
C SER A 65 5.57 -1.55 22.70
N TYR A 66 6.85 -1.73 23.05
CA TYR A 66 7.93 -1.58 22.08
C TYR A 66 7.84 -2.59 20.95
N ASP A 67 7.20 -3.75 21.19
CA ASP A 67 7.11 -4.80 20.18
C ASP A 67 6.05 -4.51 19.13
N ALA A 68 5.02 -3.73 19.48
CA ALA A 68 3.81 -3.67 18.66
C ALA A 68 4.09 -3.25 17.22
N PRO A 69 4.86 -2.20 16.94
CA PRO A 69 5.10 -1.84 15.53
C PRO A 69 5.76 -2.95 14.74
N ALA A 70 6.65 -3.72 15.38
CA ALA A 70 7.28 -4.84 14.69
C ALA A 70 6.28 -5.94 14.38
N VAL A 71 5.39 -6.24 15.33
CA VAL A 71 4.36 -7.25 15.11
C VAL A 71 3.56 -6.92 13.86
N ASP A 72 3.12 -5.67 13.73
CA ASP A 72 2.23 -5.31 12.63
C ASP A 72 2.97 -5.21 11.30
N ALA A 73 4.16 -4.60 11.29
CA ALA A 73 4.96 -4.58 10.07
C ALA A 73 5.21 -6.00 9.55
N HIS A 74 5.55 -6.90 10.46
CA HIS A 74 5.81 -8.30 10.09
C HIS A 74 4.53 -8.97 9.61
N TYR A 75 3.44 -8.83 10.36
CA TYR A 75 2.20 -9.53 10.03
C TYR A 75 1.57 -8.97 8.77
N TYR A 76 1.54 -7.64 8.63
CA TYR A 76 0.88 -7.06 7.46
C TYR A 76 1.73 -7.21 6.20
N ALA A 77 3.04 -7.32 6.33
CA ALA A 77 3.84 -7.73 5.18
C ALA A 77 3.40 -9.10 4.68
N GLY A 78 3.11 -10.02 5.61
CA GLY A 78 2.63 -11.33 5.22
C GLY A 78 1.28 -11.28 4.53
N VAL A 79 0.35 -10.48 5.05
CA VAL A 79 -0.96 -10.35 4.41
C VAL A 79 -0.78 -9.82 2.98
N THR A 80 0.05 -8.78 2.81
CA THR A 80 0.24 -8.21 1.49
C THR A 80 0.88 -9.22 0.54
N TYR A 81 1.85 -9.98 1.03
CA TYR A 81 2.41 -11.07 0.23
C TYR A 81 1.31 -12.02 -0.22
N ASP A 82 0.44 -12.40 0.72
CA ASP A 82 -0.64 -13.33 0.39
C ASP A 82 -1.57 -12.73 -0.66
N TYR A 83 -1.89 -11.45 -0.53
CA TYR A 83 -2.76 -10.80 -1.51
C TYR A 83 -2.18 -10.95 -2.92
N TYR A 84 -0.92 -10.56 -3.09
CA TYR A 84 -0.34 -10.56 -4.44
C TYR A 84 -0.19 -11.98 -4.97
N LYS A 85 0.11 -12.95 -4.10
CA LYS A 85 0.25 -14.33 -4.55
C LYS A 85 -1.12 -14.93 -4.88
N ASN A 86 -2.08 -14.81 -3.96
CA ASN A 86 -3.36 -15.48 -4.13
C ASN A 86 -4.27 -14.78 -5.14
N VAL A 87 -4.19 -13.45 -5.23
CA VAL A 87 -5.10 -12.72 -6.10
C VAL A 87 -4.50 -12.50 -7.49
N HIS A 88 -3.20 -12.20 -7.56
CA HIS A 88 -2.57 -11.86 -8.84
C HIS A 88 -1.50 -12.85 -9.28
N ASN A 89 -1.28 -13.93 -8.54
CA ASN A 89 -0.28 -14.92 -8.90
CA ASN A 89 -0.27 -14.92 -8.89
C ASN A 89 1.11 -14.27 -9.04
N ARG A 90 1.39 -13.31 -8.16
CA ARG A 90 2.68 -12.64 -8.13
C ARG A 90 3.42 -13.03 -6.86
N LEU A 91 4.65 -13.52 -7.01
CA LEU A 91 5.45 -14.00 -5.90
C LEU A 91 6.34 -12.85 -5.41
N SER A 92 5.94 -12.25 -4.30
CA SER A 92 6.63 -11.09 -3.72
C SER A 92 6.68 -9.94 -4.74
N TYR A 93 7.41 -8.88 -4.40
CA TYR A 93 7.31 -7.65 -5.19
C TYR A 93 8.06 -7.73 -6.51
N ASP A 94 9.06 -8.60 -6.63
CA ASP A 94 9.80 -8.75 -7.87
C ASP A 94 9.29 -9.89 -8.73
N GLY A 95 8.25 -10.59 -8.30
CA GLY A 95 7.75 -11.74 -9.02
C GLY A 95 8.59 -12.99 -8.89
N ASN A 96 9.70 -12.94 -8.15
N ASN A 96 9.68 -12.94 -8.13
CA ASN A 96 10.53 -14.13 -7.94
CA ASN A 96 10.58 -14.08 -7.93
C ASN A 96 10.81 -14.36 -6.46
C ASN A 96 10.85 -14.28 -6.45
N ASN A 97 9.85 -14.01 -5.61
CA ASN A 97 9.92 -14.28 -4.17
C ASN A 97 11.11 -13.58 -3.51
N ALA A 98 11.34 -12.32 -3.87
CA ALA A 98 12.36 -11.54 -3.16
C ALA A 98 12.01 -11.45 -1.69
N ALA A 99 13.04 -11.49 -0.85
CA ALA A 99 12.84 -11.30 0.58
C ALA A 99 12.26 -9.91 0.86
N ILE A 100 11.30 -9.86 1.77
CA ILE A 100 10.64 -8.61 2.15
C ILE A 100 11.21 -8.20 3.50
N ARG A 101 11.83 -7.02 3.55
CA ARG A 101 12.48 -6.52 4.75
C ARG A 101 11.82 -5.22 5.19
N SER A 102 11.59 -5.10 6.49
CA SER A 102 10.97 -3.93 7.09
C SER A 102 11.73 -3.54 8.34
N SER A 103 11.91 -2.24 8.54
CA SER A 103 12.50 -1.70 9.76
C SER A 103 11.47 -0.82 10.45
N VAL A 104 11.36 -0.97 11.77
CA VAL A 104 10.46 -0.14 12.57
C VAL A 104 11.29 0.63 13.58
N HIS A 105 10.63 1.51 14.35
CA HIS A 105 11.31 2.41 15.28
C HIS A 105 12.37 3.24 14.55
N TYR A 106 12.01 3.69 13.35
CA TYR A 106 12.91 4.51 12.53
C TYR A 106 12.92 5.93 13.06
N SER A 107 14.08 6.40 13.47
CA SER A 107 14.26 7.76 13.98
C SER A 107 13.40 8.01 15.21
N GLN A 108 13.18 9.28 15.56
CA GLN A 108 12.38 9.67 16.71
C GLN A 108 11.23 10.55 16.26
N GLY A 109 10.01 10.16 16.63
CA GLY A 109 8.83 10.94 16.28
C GLY A 109 8.61 11.08 14.79
N TYR A 110 9.05 10.10 13.99
CA TYR A 110 8.99 10.20 12.55
C TYR A 110 7.56 9.93 12.06
N ASN A 111 6.95 10.92 11.43
CA ASN A 111 5.54 10.85 11.00
C ASN A 111 5.41 10.34 9.57
N ASN A 112 6.07 9.25 9.23
CA ASN A 112 5.97 8.75 7.87
C ASN A 112 6.45 7.31 7.80
N ALA A 113 6.23 6.71 6.64
CA ALA A 113 6.75 5.41 6.27
C ALA A 113 7.14 5.49 4.80
N PHE A 114 8.01 4.58 4.37
CA PHE A 114 8.43 4.66 2.97
C PHE A 114 9.13 3.36 2.55
N TRP A 115 9.14 3.15 1.25
CA TRP A 115 9.96 2.16 0.58
C TRP A 115 11.18 2.89 0.02
N ASN A 116 12.37 2.46 0.43
CA ASN A 116 13.60 3.18 0.14
C ASN A 116 14.35 2.60 -1.07
N GLY A 117 13.67 1.82 -1.90
CA GLY A 117 14.30 1.13 -3.00
C GLY A 117 14.74 -0.28 -2.68
N SER A 118 14.86 -0.63 -1.39
CA SER A 118 15.29 -1.96 -0.97
C SER A 118 14.46 -2.54 0.17
N GLN A 119 13.67 -1.75 0.89
CA GLN A 119 12.98 -2.23 2.08
C GLN A 119 11.94 -1.21 2.49
N MET A 120 11.05 -1.63 3.39
N MET A 120 11.06 -1.64 3.39
CA MET A 120 10.09 -0.73 4.00
CA MET A 120 10.09 -0.74 4.02
C MET A 120 10.66 -0.17 5.30
C MET A 120 10.67 -0.16 5.29
N VAL A 121 10.22 1.04 5.64
CA VAL A 121 10.70 1.77 6.81
C VAL A 121 9.49 2.45 7.45
N TYR A 122 9.35 2.31 8.77
CA TYR A 122 8.18 2.80 9.48
C TYR A 122 8.62 3.64 10.68
N GLY A 123 8.19 4.90 10.70
CA GLY A 123 8.36 5.69 11.89
C GLY A 123 7.36 5.30 12.97
N ASP A 124 7.62 5.78 14.19
CA ASP A 124 6.69 5.59 15.29
C ASP A 124 5.62 6.67 15.36
N GLY A 125 5.75 7.74 14.56
CA GLY A 125 4.91 8.90 14.71
C GLY A 125 5.28 9.65 15.96
N ASP A 126 4.71 10.85 16.14
CA ASP A 126 4.95 11.65 17.33
C ASP A 126 3.86 11.49 18.37
N GLY A 127 2.93 10.56 18.17
CA GLY A 127 1.81 10.37 19.08
C GLY A 127 0.68 11.35 18.90
N GLN A 128 0.86 12.38 18.06
CA GLN A 128 -0.17 13.37 17.78
C GLN A 128 -0.63 13.29 16.34
N THR A 129 0.28 13.45 15.38
CA THR A 129 -0.06 13.31 13.98
C THR A 129 -0.23 11.83 13.61
N PHE A 130 0.62 10.97 14.16
CA PHE A 130 0.58 9.54 13.87
C PHE A 130 0.93 8.76 15.13
N ILE A 131 0.42 7.53 15.19
CA ILE A 131 0.98 6.47 16.04
C ILE A 131 1.77 5.58 15.11
N PRO A 132 2.51 4.58 15.59
CA PRO A 132 3.40 3.82 14.69
C PRO A 132 2.68 3.36 13.43
N LEU A 133 3.26 3.71 12.28
CA LEU A 133 2.53 3.66 11.03
C LEU A 133 2.33 2.25 10.50
N SER A 134 3.14 1.28 10.94
CA SER A 134 2.89 -0.09 10.55
C SER A 134 1.57 -0.63 11.10
N GLY A 135 0.92 0.10 11.99
CA GLY A 135 -0.40 -0.28 12.47
C GLY A 135 -1.49 -0.19 11.42
N GLY A 136 -1.22 0.44 10.29
CA GLY A 136 -2.19 0.55 9.22
C GLY A 136 -1.89 -0.42 8.08
N ILE A 137 -2.76 -1.39 7.86
CA ILE A 137 -2.52 -2.36 6.80
C ILE A 137 -2.49 -1.67 5.45
N ASP A 138 -3.28 -0.60 5.27
CA ASP A 138 -3.23 0.10 4.00
C ASP A 138 -1.92 0.86 3.83
N VAL A 139 -1.31 1.30 4.95
CA VAL A 139 0.02 1.91 4.87
C VAL A 139 1.06 0.87 4.47
N VAL A 140 1.07 -0.27 5.17
CA VAL A 140 2.03 -1.33 4.85
C VAL A 140 1.91 -1.73 3.38
N ALA A 141 0.68 -2.02 2.95
CA ALA A 141 0.48 -2.46 1.57
C ALA A 141 0.80 -1.34 0.59
N HIS A 142 0.51 -0.09 0.96
CA HIS A 142 0.88 1.05 0.14
C HIS A 142 2.38 1.03 -0.16
N GLU A 143 3.20 0.90 0.88
CA GLU A 143 4.65 0.96 0.69
C GLU A 143 5.16 -0.24 -0.10
N LEU A 144 4.70 -1.45 0.24
CA LEU A 144 5.16 -2.63 -0.49
C LEU A 144 4.74 -2.57 -1.95
N THR A 145 3.61 -1.92 -2.25
CA THR A 145 3.19 -1.76 -3.63
C THR A 145 4.14 -0.85 -4.40
N HIS A 146 4.78 0.11 -3.72
CA HIS A 146 5.84 0.89 -4.38
C HIS A 146 6.92 -0.04 -4.92
N ALA A 147 7.25 -1.09 -4.18
CA ALA A 147 8.23 -2.06 -4.66
C ALA A 147 7.73 -2.76 -5.92
N VAL A 148 6.47 -3.20 -5.91
CA VAL A 148 5.87 -3.81 -7.09
C VAL A 148 5.99 -2.86 -8.27
N THR A 149 5.65 -1.59 -8.06
CA THR A 149 5.72 -0.61 -9.13
C THR A 149 7.15 -0.43 -9.62
N ASP A 150 8.11 -0.32 -8.68
CA ASP A 150 9.50 -0.14 -9.06
C ASP A 150 10.00 -1.29 -9.94
N TYR A 151 9.49 -2.50 -9.74
CA TYR A 151 9.92 -3.67 -10.49
C TYR A 151 9.10 -3.92 -11.74
N THR A 152 8.06 -3.11 -12.00
CA THR A 152 7.21 -3.33 -13.16
C THR A 152 7.19 -2.05 -13.97
N ALA A 153 6.17 -1.20 -13.84
CA ALA A 153 6.07 -0.01 -14.68
C ALA A 153 7.23 0.94 -14.46
N GLY A 154 7.70 1.06 -13.22
CA GLY A 154 8.83 1.94 -12.93
C GLY A 154 8.49 3.41 -13.00
N LEU A 155 7.27 3.78 -12.67
CA LEU A 155 6.81 5.17 -12.81
C LEU A 155 7.72 6.13 -12.06
N ILE A 156 8.29 7.09 -12.80
CA ILE A 156 9.12 8.11 -12.18
C ILE A 156 8.32 8.85 -11.12
N TYR A 157 8.98 9.15 -10.00
CA TYR A 157 8.30 9.74 -8.85
C TYR A 157 8.27 11.26 -8.95
N GLN A 158 7.62 11.74 -10.01
CA GLN A 158 7.40 13.18 -10.17
C GLN A 158 6.28 13.39 -11.17
N ASN A 159 5.58 14.51 -11.01
CA ASN A 159 4.54 14.92 -11.94
C ASN A 159 3.50 13.81 -12.12
N GLU A 160 2.96 13.66 -13.32
CA GLU A 160 1.80 12.77 -13.49
C GLU A 160 2.20 11.31 -13.29
N SER A 161 3.38 10.90 -13.77
CA SER A 161 3.80 9.53 -13.56
C SER A 161 3.97 9.24 -12.07
N GLY A 162 4.45 10.23 -11.30
CA GLY A 162 4.57 10.04 -9.86
C GLY A 162 3.23 10.01 -9.15
N ALA A 163 2.25 10.77 -9.65
CA ALA A 163 0.92 10.72 -9.07
C ALA A 163 0.25 9.38 -9.35
N ILE A 164 0.49 8.82 -10.53
CA ILE A 164 0.02 7.46 -10.82
C ILE A 164 0.68 6.48 -9.86
N ASN A 165 2.00 6.61 -9.70
CA ASN A 165 2.72 5.77 -8.75
C ASN A 165 2.05 5.79 -7.39
N GLU A 166 1.75 6.99 -6.88
CA GLU A 166 1.09 7.12 -5.59
C GLU A 166 -0.29 6.49 -5.59
N ALA A 167 -1.09 6.78 -6.63
CA ALA A 167 -2.45 6.23 -6.67
C ALA A 167 -2.42 4.71 -6.69
N ILE A 168 -1.52 4.11 -7.47
CA ILE A 168 -1.40 2.66 -7.48
C ILE A 168 -1.21 2.13 -6.06
N SER A 169 -0.34 2.80 -5.29
CA SER A 169 -0.08 2.36 -3.92
C SER A 169 -1.30 2.55 -3.02
N ASP A 170 -2.05 3.63 -3.22
CA ASP A 170 -3.29 3.81 -2.46
C ASP A 170 -4.34 2.78 -2.88
N ILE A 171 -4.41 2.48 -4.19
CA ILE A 171 -5.42 1.55 -4.69
C ILE A 171 -5.19 0.17 -4.11
N PHE A 172 -3.98 -0.37 -4.29
CA PHE A 172 -3.74 -1.73 -3.81
C PHE A 172 -3.57 -1.76 -2.30
N GLY A 173 -3.10 -0.68 -1.69
CA GLY A 173 -3.18 -0.58 -0.25
C GLY A 173 -4.61 -0.77 0.24
N THR A 174 -5.56 -0.12 -0.43
CA THR A 174 -6.97 -0.27 -0.06
C THR A 174 -7.48 -1.65 -0.39
N LEU A 175 -7.11 -2.19 -1.55
CA LEU A 175 -7.58 -3.53 -1.91
C LEU A 175 -7.03 -4.60 -0.98
N VAL A 176 -5.79 -4.43 -0.49
CA VAL A 176 -5.29 -5.33 0.52
C VAL A 176 -6.09 -5.17 1.82
N GLU A 177 -6.43 -3.94 2.18
CA GLU A 177 -7.25 -3.73 3.37
C GLU A 177 -8.58 -4.44 3.25
N PHE A 178 -9.22 -4.37 2.08
CA PHE A 178 -10.45 -5.12 1.86
C PHE A 178 -10.20 -6.62 1.85
N TYR A 179 -9.06 -7.04 1.31
CA TYR A 179 -8.72 -8.47 1.29
C TYR A 179 -8.65 -9.02 2.71
N ALA A 180 -7.97 -8.31 3.61
CA ALA A 180 -7.92 -8.76 5.00
C ALA A 180 -9.27 -8.60 5.68
N ASN A 181 -10.06 -7.61 5.28
CA ASN A 181 -11.47 -7.50 5.66
C ASN A 181 -11.62 -7.17 7.15
N LYS A 182 -10.81 -6.25 7.64
CA LYS A 182 -10.95 -5.72 9.01
C LYS A 182 -11.16 -4.23 8.89
N ASN A 183 -12.40 -3.78 9.11
CA ASN A 183 -12.77 -2.38 9.02
C ASN A 183 -12.31 -1.76 7.69
N PRO A 184 -12.62 -2.38 6.56
CA PRO A 184 -12.14 -1.85 5.28
C PRO A 184 -12.90 -0.61 4.87
N ASP A 185 -12.21 0.27 4.15
CA ASP A 185 -12.78 1.52 3.69
C ASP A 185 -11.95 2.01 2.50
N TRP A 186 -12.40 3.11 1.89
CA TRP A 186 -11.67 3.76 0.82
C TRP A 186 -10.89 4.97 1.31
N GLU A 187 -10.50 4.95 2.59
N GLU A 187 -10.50 4.95 2.59
CA GLU A 187 -9.67 5.98 3.20
CA GLU A 187 -9.67 5.99 3.18
C GLU A 187 -8.26 5.45 3.39
C GLU A 187 -8.25 5.45 3.38
N ILE A 188 -7.30 6.37 3.50
CA ILE A 188 -5.88 6.02 3.61
C ILE A 188 -5.35 6.44 4.98
N GLY A 189 -4.84 5.48 5.74
CA GLY A 189 -4.13 5.76 6.96
C GLY A 189 -4.98 5.99 8.19
N GLU A 190 -6.29 5.77 8.09
CA GLU A 190 -7.20 6.11 9.18
C GLU A 190 -6.81 5.43 10.50
N ASP A 191 -6.25 4.22 10.43
CA ASP A 191 -5.99 3.46 11.65
C ASP A 191 -4.84 4.03 12.47
N VAL A 192 -3.92 4.78 11.85
CA VAL A 192 -2.75 5.31 12.54
C VAL A 192 -2.69 6.83 12.50
N TYR A 193 -3.67 7.50 11.91
CA TYR A 193 -3.64 8.95 11.76
C TYR A 193 -4.39 9.61 12.91
N THR A 194 -3.78 10.65 13.49
CA THR A 194 -4.37 11.50 14.53
C THR A 194 -5.16 10.68 15.55
N PRO A 195 -4.50 10.03 16.50
CA PRO A 195 -5.24 9.24 17.50
C PRO A 195 -6.27 10.03 18.28
N GLY A 196 -6.13 11.35 18.37
CA GLY A 196 -7.06 12.17 19.10
C GLY A 196 -8.23 12.71 18.29
N ILE A 197 -8.30 12.38 17.00
CA ILE A 197 -9.36 12.86 16.12
C ILE A 197 -10.01 11.65 15.47
N SER A 198 -11.29 11.46 15.71
CA SER A 198 -12.02 10.32 15.17
C SER A 198 -12.57 10.64 13.78
N GLY A 199 -12.60 9.61 12.93
CA GLY A 199 -13.27 9.67 11.65
C GLY A 199 -12.50 10.34 10.54
N ASP A 200 -11.25 10.73 10.75
CA ASP A 200 -10.46 11.38 9.71
C ASP A 200 -9.44 10.39 9.15
N SER A 201 -8.72 10.84 8.13
CA SER A 201 -7.68 10.03 7.51
C SER A 201 -6.71 10.97 6.81
N LEU A 202 -5.69 10.38 6.20
CA LEU A 202 -4.66 11.14 5.52
C LEU A 202 -5.09 11.54 4.12
N ARG A 203 -5.72 10.62 3.40
CA ARG A 203 -6.30 10.88 2.10
C ARG A 203 -7.61 10.13 2.00
N SER A 204 -8.46 10.56 1.07
CA SER A 204 -9.71 9.88 0.75
C SER A 204 -9.71 9.53 -0.72
N MET A 205 -9.97 8.26 -1.03
CA MET A 205 -10.20 7.87 -2.42
C MET A 205 -11.63 8.17 -2.85
N SER A 206 -12.60 8.03 -1.93
CA SER A 206 -13.99 8.28 -2.28
C SER A 206 -14.25 9.76 -2.50
N ASP A 207 -13.58 10.63 -1.73
CA ASP A 207 -13.76 12.08 -1.85
C ASP A 207 -12.45 12.77 -1.55
N PRO A 208 -11.52 12.77 -2.51
CA PRO A 208 -10.22 13.42 -2.26
C PRO A 208 -10.33 14.86 -1.78
N ALA A 209 -11.30 15.62 -2.29
CA ALA A 209 -11.45 17.02 -1.91
C ALA A 209 -11.69 17.18 -0.41
N LYS A 210 -12.16 16.14 0.27
CA LYS A 210 -12.30 16.16 1.72
C LYS A 210 -11.05 16.71 2.39
N TYR A 211 -9.87 16.44 1.83
CA TYR A 211 -8.60 16.89 2.41
C TYR A 211 -7.82 17.76 1.44
N GLY A 212 -8.52 18.49 0.57
CA GLY A 212 -7.86 19.44 -0.30
C GLY A 212 -7.18 18.86 -1.50
N ASP A 213 -7.42 17.59 -1.82
CA ASP A 213 -6.79 16.99 -2.99
C ASP A 213 -7.72 17.07 -4.20
N PRO A 214 -7.17 17.26 -5.39
CA PRO A 214 -8.03 17.38 -6.58
C PRO A 214 -8.81 16.09 -6.85
N ASP A 215 -10.05 16.27 -7.29
CA ASP A 215 -10.88 15.16 -7.75
C ASP A 215 -11.21 15.28 -9.23
N HIS A 216 -10.51 16.16 -9.96
CA HIS A 216 -10.76 16.38 -11.37
C HIS A 216 -9.49 16.95 -11.98
N TYR A 217 -9.24 16.58 -13.23
CA TYR A 217 -7.99 16.98 -13.90
C TYR A 217 -7.85 18.49 -13.97
N SER A 218 -8.96 19.21 -14.12
CA SER A 218 -8.90 20.67 -14.18
C SER A 218 -8.35 21.27 -12.89
N LYS A 219 -8.37 20.52 -11.79
CA LYS A 219 -7.91 21.01 -10.50
C LYS A 219 -6.53 20.48 -10.12
N ARG A 220 -5.80 19.94 -11.09
CA ARG A 220 -4.51 19.33 -10.79
C ARG A 220 -3.50 20.39 -10.36
N TYR A 221 -2.65 20.01 -9.41
CA TYR A 221 -1.61 20.90 -8.93
C TYR A 221 -0.43 20.88 -9.88
N THR A 222 0.04 22.06 -10.29
CA THR A 222 1.09 22.17 -11.28
C THR A 222 2.34 22.85 -10.75
N GLY A 223 2.46 23.05 -9.43
CA GLY A 223 3.64 23.61 -8.84
C GLY A 223 4.74 22.58 -8.67
N THR A 224 5.73 22.92 -7.84
CA THR A 224 6.91 22.09 -7.67
C THR A 224 6.95 21.36 -6.33
N GLN A 225 6.11 21.72 -5.37
CA GLN A 225 6.09 21.02 -4.10
C GLN A 225 5.72 19.55 -4.30
N ASP A 226 6.21 18.70 -3.39
CA ASP A 226 5.81 17.31 -3.36
C ASP A 226 6.14 16.62 -4.68
N ASN A 227 7.33 16.88 -5.22
CA ASN A 227 7.75 16.34 -6.50
C ASN A 227 6.70 16.59 -7.58
N GLY A 228 6.11 17.78 -7.54
CA GLY A 228 5.02 18.09 -8.46
C GLY A 228 3.67 17.59 -8.00
N GLY A 229 3.47 17.43 -6.70
CA GLY A 229 2.18 17.02 -6.17
C GLY A 229 1.84 15.55 -6.34
N VAL A 230 2.81 14.66 -6.15
CA VAL A 230 2.55 13.24 -6.40
C VAL A 230 1.53 12.70 -5.41
N HIS A 231 1.55 13.18 -4.16
CA HIS A 231 0.54 12.81 -3.18
C HIS A 231 -0.73 13.64 -3.29
N ILE A 232 -0.75 14.63 -4.19
CA ILE A 232 -1.89 15.52 -4.32
C ILE A 232 -2.71 15.10 -5.54
N ASN A 233 -2.07 15.11 -6.71
CA ASN A 233 -2.75 14.74 -7.94
C ASN A 233 -3.11 13.27 -7.99
N SER A 234 -2.57 12.44 -7.07
CA SER A 234 -3.04 11.06 -6.95
C SER A 234 -4.54 11.00 -6.71
N GLY A 235 -5.10 12.05 -6.08
CA GLY A 235 -6.53 12.06 -5.84
C GLY A 235 -7.36 11.91 -7.10
N ILE A 236 -6.86 12.46 -8.21
CA ILE A 236 -7.58 12.34 -9.48
C ILE A 236 -7.70 10.88 -9.89
N ILE A 237 -6.61 10.13 -9.76
CA ILE A 237 -6.62 8.72 -10.15
C ILE A 237 -7.32 7.89 -9.09
N ASN A 238 -7.11 8.20 -7.81
CA ASN A 238 -7.84 7.50 -6.75
C ASN A 238 -9.35 7.62 -6.96
N LYS A 239 -9.83 8.80 -7.31
CA LYS A 239 -11.26 8.97 -7.55
C LYS A 239 -11.71 8.11 -8.73
N ALA A 240 -10.94 8.12 -9.82
CA ALA A 240 -11.29 7.28 -10.96
C ALA A 240 -11.39 5.82 -10.56
N ALA A 241 -10.40 5.33 -9.81
CA ALA A 241 -10.42 3.93 -9.37
C ALA A 241 -11.61 3.68 -8.45
N TYR A 242 -11.89 4.59 -7.53
CA TYR A 242 -13.06 4.44 -6.67
C TYR A 242 -14.33 4.34 -7.49
N LEU A 243 -14.46 5.17 -8.53
CA LEU A 243 -15.66 5.14 -9.36
C LEU A 243 -15.76 3.82 -10.13
N ILE A 244 -14.65 3.35 -10.68
CA ILE A 244 -14.67 2.08 -11.41
C ILE A 244 -15.24 0.98 -10.53
N SER A 245 -14.77 0.91 -9.28
CA SER A 245 -15.20 -0.16 -8.38
C SER A 245 -16.61 0.07 -7.85
N GLN A 246 -16.88 1.26 -7.32
CA GLN A 246 -18.09 1.50 -6.54
C GLN A 246 -19.18 2.21 -7.33
N GLY A 247 -18.85 2.82 -8.46
CA GLY A 247 -19.81 3.59 -9.22
C GLY A 247 -20.12 4.92 -8.58
N GLY A 248 -20.90 5.71 -9.30
CA GLY A 248 -21.31 7.02 -8.80
C GLY A 248 -21.42 8.01 -9.95
N THR A 249 -22.00 9.16 -9.63
CA THR A 249 -22.10 10.28 -10.55
C THR A 249 -21.22 11.41 -10.01
N HIS A 250 -20.23 11.82 -10.80
CA HIS A 250 -19.20 12.75 -10.35
C HIS A 250 -19.14 13.90 -11.35
N TYR A 251 -19.37 15.12 -10.87
CA TYR A 251 -19.53 16.28 -11.74
C TYR A 251 -20.51 15.97 -12.88
N GLY A 252 -21.57 15.23 -12.55
CA GLY A 252 -22.62 14.94 -13.48
C GLY A 252 -22.36 13.80 -14.44
N VAL A 253 -21.20 13.17 -14.37
CA VAL A 253 -20.88 12.01 -15.21
C VAL A 253 -21.11 10.75 -14.40
N SER A 254 -21.94 9.85 -14.92
CA SER A 254 -22.34 8.65 -14.20
C SER A 254 -21.43 7.48 -14.57
N VAL A 255 -21.03 6.71 -13.55
CA VAL A 255 -20.17 5.55 -13.72
C VAL A 255 -20.85 4.35 -13.06
N VAL A 256 -20.95 3.26 -13.81
CA VAL A 256 -21.48 2.01 -13.28
C VAL A 256 -20.34 1.22 -12.67
N GLY A 257 -20.43 0.94 -11.37
CA GLY A 257 -19.37 0.22 -10.70
C GLY A 257 -19.32 -1.25 -11.08
N ILE A 258 -18.11 -1.80 -11.11
CA ILE A 258 -17.89 -3.19 -11.49
C ILE A 258 -17.26 -4.01 -10.37
N GLY A 259 -16.99 -3.41 -9.22
CA GLY A 259 -16.54 -4.16 -8.06
C GLY A 259 -15.03 -4.12 -7.88
N ARG A 260 -14.59 -4.45 -6.67
CA ARG A 260 -13.19 -4.29 -6.30
C ARG A 260 -12.29 -5.28 -7.02
N ASP A 261 -12.74 -6.54 -7.17
N ASP A 261 -12.74 -6.54 -7.17
CA ASP A 261 -11.87 -7.54 -7.79
CA ASP A 261 -11.90 -7.55 -7.79
C ASP A 261 -11.53 -7.17 -9.22
C ASP A 261 -11.55 -7.19 -9.22
N LYS A 262 -12.53 -6.69 -9.99
CA LYS A 262 -12.25 -6.32 -11.37
C LYS A 262 -11.41 -5.05 -11.46
N LEU A 263 -11.60 -4.10 -10.53
CA LEU A 263 -10.68 -2.97 -10.44
C LEU A 263 -9.25 -3.45 -10.27
N GLY A 264 -9.04 -4.39 -9.35
CA GLY A 264 -7.69 -4.89 -9.11
C GLY A 264 -7.10 -5.57 -10.34
N LYS A 265 -7.89 -6.43 -11.00
CA LYS A 265 -7.38 -7.12 -12.19
C LYS A 265 -7.02 -6.13 -13.28
N ILE A 266 -7.87 -5.12 -13.50
CA ILE A 266 -7.62 -4.14 -14.54
C ILE A 266 -6.36 -3.34 -14.25
N PHE A 267 -6.26 -2.79 -13.04
CA PHE A 267 -5.12 -1.94 -12.72
C PHE A 267 -3.84 -2.74 -12.54
N TYR A 268 -3.92 -3.96 -12.03
CA TYR A 268 -2.72 -4.79 -11.98
C TYR A 268 -2.21 -5.10 -13.38
N ARG A 269 -3.11 -5.45 -14.30
CA ARG A 269 -2.69 -5.69 -15.68
C ARG A 269 -2.12 -4.43 -16.31
N ALA A 270 -2.76 -3.28 -16.07
CA ALA A 270 -2.21 -2.02 -16.57
C ALA A 270 -0.81 -1.78 -16.02
N LEU A 271 -0.63 -2.01 -14.72
CA LEU A 271 0.65 -1.71 -14.08
C LEU A 271 1.76 -2.59 -14.62
N THR A 272 1.46 -3.87 -14.87
CA THR A 272 2.49 -4.84 -15.20
C THR A 272 2.66 -5.06 -16.69
N GLN A 273 1.70 -4.64 -17.53
CA GLN A 273 1.77 -4.88 -18.96
C GLN A 273 1.88 -3.63 -19.81
N TYR A 274 1.36 -2.49 -19.36
CA TYR A 274 1.17 -1.36 -20.28
C TYR A 274 1.81 -0.06 -19.82
N LEU A 275 1.93 0.15 -18.51
CA LEU A 275 2.52 1.39 -18.03
C LEU A 275 4.04 1.37 -18.16
N THR A 276 4.62 2.55 -18.31
CA THR A 276 6.06 2.74 -18.44
C THR A 276 6.50 3.82 -17.46
N PRO A 277 7.81 3.99 -17.27
CA PRO A 277 8.28 4.99 -16.30
C PRO A 277 7.71 6.39 -16.50
N THR A 278 7.39 6.78 -17.73
CA THR A 278 6.98 8.16 -18.02
C THR A 278 5.50 8.28 -18.32
N SER A 279 4.69 7.27 -18.05
CA SER A 279 3.28 7.33 -18.38
C SER A 279 2.60 8.50 -17.69
N ASN A 280 1.73 9.18 -18.42
CA ASN A 280 0.92 10.27 -17.88
C ASN A 280 -0.52 9.79 -17.70
N PHE A 281 -1.37 10.68 -17.18
CA PHE A 281 -2.75 10.30 -16.87
C PHE A 281 -3.47 9.78 -18.12
N SER A 282 -3.32 10.48 -19.25
N SER A 282 -3.30 10.46 -19.26
CA SER A 282 -3.96 10.03 -20.48
CA SER A 282 -3.98 10.02 -20.47
C SER A 282 -3.49 8.63 -20.86
C SER A 282 -3.49 8.64 -20.90
N GLN A 283 -2.19 8.36 -20.72
CA GLN A 283 -1.67 7.04 -21.05
C GLN A 283 -2.17 5.99 -20.06
N LEU A 284 -2.38 6.37 -18.79
CA LEU A 284 -2.99 5.45 -17.84
C LEU A 284 -4.39 5.06 -18.29
N ARG A 285 -5.20 6.05 -18.70
CA ARG A 285 -6.53 5.74 -19.21
C ARG A 285 -6.45 4.68 -20.31
N ALA A 286 -5.62 4.92 -21.32
CA ALA A 286 -5.49 3.97 -22.42
C ALA A 286 -5.04 2.61 -21.91
N ALA A 287 -4.12 2.58 -20.95
CA ALA A 287 -3.66 1.30 -20.40
C ALA A 287 -4.80 0.57 -19.70
N ALA A 288 -5.61 1.30 -18.93
CA ALA A 288 -6.71 0.66 -18.22
C ALA A 288 -7.79 0.19 -19.20
N VAL A 289 -8.05 0.98 -20.25
CA VAL A 289 -9.01 0.55 -21.26
C VAL A 289 -8.53 -0.71 -21.96
N GLN A 290 -7.25 -0.74 -22.33
CA GLN A 290 -6.72 -1.91 -23.01
C GLN A 290 -6.73 -3.12 -22.08
N SER A 291 -6.39 -2.91 -20.81
CA SER A 291 -6.42 -4.01 -19.84
C SER A 291 -7.84 -4.56 -19.70
N ALA A 292 -8.81 -3.67 -19.52
CA ALA A 292 -10.20 -4.13 -19.44
C ALA A 292 -10.63 -4.82 -20.72
N THR A 293 -10.16 -4.34 -21.87
CA THR A 293 -10.47 -5.00 -23.13
C THR A 293 -9.87 -6.40 -23.17
N ASP A 294 -8.60 -6.54 -22.78
CA ASP A 294 -7.98 -7.86 -22.71
C ASP A 294 -8.81 -8.81 -21.87
N LEU A 295 -9.22 -8.36 -20.68
CA LEU A 295 -9.82 -9.25 -19.70
C LEU A 295 -11.28 -9.55 -20.00
N TYR A 296 -12.03 -8.57 -20.54
CA TYR A 296 -13.48 -8.70 -20.63
C TYR A 296 -14.07 -8.36 -21.99
N GLY A 297 -13.28 -7.86 -22.94
CA GLY A 297 -13.78 -7.61 -24.27
C GLY A 297 -14.12 -6.15 -24.51
N SER A 298 -13.95 -5.72 -25.75
CA SER A 298 -14.09 -4.31 -26.09
C SER A 298 -15.50 -3.80 -25.85
N THR A 299 -16.51 -4.66 -25.94
CA THR A 299 -17.91 -4.26 -25.78
C THR A 299 -18.43 -4.51 -24.38
N SER A 300 -17.56 -4.74 -23.41
CA SER A 300 -17.99 -5.12 -22.07
C SER A 300 -18.39 -3.90 -21.26
N GLN A 301 -19.21 -4.15 -20.22
CA GLN A 301 -19.48 -3.12 -19.23
C GLN A 301 -18.18 -2.63 -18.58
N GLU A 302 -17.25 -3.56 -18.33
CA GLU A 302 -16.01 -3.19 -17.66
C GLU A 302 -15.26 -2.10 -18.44
N VAL A 303 -15.09 -2.31 -19.75
CA VAL A 303 -14.45 -1.29 -20.58
C VAL A 303 -15.26 0.00 -20.53
N ALA A 304 -16.58 -0.10 -20.61
CA ALA A 304 -17.42 1.09 -20.56
C ALA A 304 -17.21 1.85 -19.26
N SER A 305 -17.17 1.14 -18.13
CA SER A 305 -17.05 1.81 -16.84
C SER A 305 -15.68 2.47 -16.68
N VAL A 306 -14.62 1.85 -17.20
CA VAL A 306 -13.31 2.49 -17.17
C VAL A 306 -13.37 3.81 -17.92
N LYS A 307 -14.02 3.82 -19.08
CA LYS A 307 -14.11 5.06 -19.86
C LYS A 307 -14.90 6.12 -19.10
N GLN A 308 -16.04 5.73 -18.53
CA GLN A 308 -16.86 6.69 -17.79
C GLN A 308 -16.10 7.28 -16.62
N ALA A 309 -15.33 6.45 -15.90
CA ALA A 309 -14.64 6.92 -14.71
C ALA A 309 -13.59 7.97 -15.06
N PHE A 310 -12.78 7.69 -16.09
CA PHE A 310 -11.77 8.67 -16.48
C PHE A 310 -12.41 9.90 -17.10
N ASP A 311 -13.51 9.74 -17.83
CA ASP A 311 -14.29 10.90 -18.25
C ASP A 311 -14.71 11.74 -17.04
N ALA A 312 -15.17 11.06 -15.97
CA ALA A 312 -15.70 11.78 -14.81
C ALA A 312 -14.65 12.65 -14.16
N VAL A 313 -13.40 12.22 -14.14
CA VAL A 313 -12.32 13.02 -13.56
C VAL A 313 -11.59 13.84 -14.62
N GLY A 314 -12.15 13.91 -15.83
CA GLY A 314 -11.61 14.79 -16.86
C GLY A 314 -10.31 14.33 -17.48
N VAL A 315 -10.07 13.03 -17.53
CA VAL A 315 -8.86 12.47 -18.15
C VAL A 315 -9.28 11.85 -19.47
N LYS A 316 -8.83 12.46 -20.57
CA LYS A 316 -9.15 11.95 -21.90
C LYS A 316 -8.00 11.12 -22.46
N VAL B . 4.35 7.37 3.04
CA VAL B . 2.94 7.34 2.70
C VAL B . 2.43 8.75 2.39
O VAL B . 1.39 8.90 1.74
CB VAL B . 2.10 6.69 3.84
CG1 VAL B . 1.99 7.62 5.05
CG2 VAL B . 0.72 6.28 3.34
HA VAL B . 2.82 6.80 1.91
HB VAL B . 2.56 5.89 4.14
HG11 VAL B . 1.46 7.18 5.73
HG12 VAL B . 2.87 7.81 5.38
HG13 VAL B . 1.55 8.44 4.77
HG21 VAL B . 0.22 5.87 4.07
HG22 VAL B . 0.26 7.06 3.01
HG23 VAL B . 0.83 5.63 2.62
N LYS C . 3.17 9.76 2.83
CA LYS C . 2.81 11.16 2.54
C LYS C . 4.03 12.01 2.20
O LYS C . 5.17 11.64 2.47
CB LYS C . 2.06 11.79 3.71
CG LYS C . 2.80 11.77 5.04
CD LYS C . 2.17 12.74 6.04
CE LYS C . 3.11 13.89 6.36
NZ LYS C . 4.31 13.43 7.11
OXT LYS C . 3.89 13.10 1.66
H LYS C . 3.89 9.68 3.30
HA LYS C . 2.22 11.18 1.77
HB2 LYS C . 1.86 12.71 3.50
HB3 LYS C . 1.22 11.31 3.84
HG2 LYS C . 2.77 10.88 5.43
HG3 LYS C . 3.72 12.03 4.90
HD2 LYS C . 1.36 13.11 5.66
HD3 LYS C . 1.98 12.27 6.86
HE2 LYS C . 3.40 14.31 5.53
HE3 LYS C . 2.65 14.54 6.91
HZ1 LYS C . 4.84 14.12 7.27
HZ2 LYS C . 4.08 13.05 7.86
HZ3 LYS C . 4.76 12.84 6.61
ZN ZN D . 3.59 6.40 -1.46
CA CA E . -8.04 2.48 4.83
CA CA F . 9.14 -11.32 24.39
CA CA G . -7.56 10.09 13.51
CA CA H . -10.01 0.85 7.61
O1 XYP I . 13.46 -4.70 24.09
C1 XYP I . 13.37 -3.33 23.98
C2 XYP I . 12.58 -2.77 25.14
C3 XYP I . 12.58 -1.28 25.17
C4 XYP I . 13.93 -0.69 25.00
C5 XYP I . 14.69 -1.30 23.83
O2 XYP I . 11.21 -3.22 25.04
O3 XYP I . 12.04 -0.86 26.45
O4 XYP I . 13.82 0.72 24.79
O5 XYP I . 14.75 -2.76 23.92
HO1 XYP I . 13.70 -5.05 23.30
H1 XYP I . 12.91 -3.12 23.15
H2 XYP I . 12.96 -3.10 25.97
H3 XYP I . 12.00 -0.95 24.46
H4 XYP I . 14.45 -0.85 25.82
H51 XYP I . 14.24 -1.04 23.00
H52 XYP I . 15.60 -0.94 23.82
HO2 XYP I . 11.04 -3.77 25.71
HO3 XYP I . 11.31 -0.37 26.32
HO4 XYP I . 14.41 1.15 25.29
O1 XYP J . 11.35 8.42 20.65
C1 XYP J . 11.79 8.48 21.96
C2 XYP J . 11.25 7.28 22.71
C3 XYP J . 11.95 6.99 24.00
C4 XYP J . 13.43 7.02 23.83
C5 XYP J . 13.83 8.38 23.30
O2 XYP J . 9.86 7.53 23.01
O3 XYP J . 11.54 5.68 24.48
O4 XYP J . 14.07 6.77 25.09
O5 XYP J . 13.28 8.56 21.95
HO1 XYP J . 11.45 9.21 20.27
H1 XYP J . 11.44 9.29 22.37
H2 XYP J . 11.31 6.49 22.15
H3 XYP J . 11.68 7.66 24.65
H4 XYP J . 13.69 6.33 23.20
H51 XYP J . 14.80 8.44 23.27
H52 XYP J . 13.49 9.07 23.89
HO2 XYP J . 9.54 6.87 23.51
HO3 XYP J . 11.15 5.76 25.27
HO4 XYP J . 14.75 6.21 24.97
O1 XYP K . -12.07 22.07 5.50
C1 XYP K . -12.06 22.28 4.15
C2 XYP K . -10.69 21.94 3.58
C3 XYP K . -10.66 22.08 2.11
C4 XYP K . -11.72 21.25 1.48
C5 XYP K . -13.09 21.58 2.05
O2 XYP K . -9.70 22.80 4.17
O3 XYP K . -9.36 21.68 1.60
O4 XYP K . -11.72 21.48 0.06
O5 XYP K . -13.13 21.45 3.52
HO1 XYP K . -12.75 22.50 5.87
H1 XYP K . -12.24 23.23 3.97
H2 XYP K . -10.48 21.01 3.81
H3 XYP K . -10.81 23.02 1.89
H4 XYP K . -11.52 20.31 1.63
H51 XYP K . -13.75 20.97 1.66
H52 XYP K . -13.32 22.49 1.80
HO2 XYP K . -9.15 22.32 4.69
HO3 XYP K . -8.98 22.37 1.19
HO4 XYP K . -11.80 20.72 -0.38
O1 XYP L . 6.07 1.37 21.58
C1 XYP L . 6.83 2.42 21.13
C2 XYP L . 5.92 3.51 20.58
C3 XYP L . 6.66 4.73 20.19
C4 XYP L . 7.54 5.23 21.28
C5 XYP L . 8.44 4.12 21.83
O2 XYP L . 5.25 2.98 19.43
O3 XYP L . 5.71 5.77 19.86
O4 XYP L . 8.37 6.27 20.77
O5 XYP L . 7.67 2.94 22.24
HO1 XYP L . 6.18 0.68 21.04
H1 XYP L . 7.42 2.11 20.42
H2 XYP L . 5.25 3.73 21.26
H3 XYP L . 7.21 4.53 19.41
H4 XYP L . 6.99 5.58 22.01
H51 XYP L . 8.92 4.48 22.60
H52 XYP L . 9.07 3.87 21.14
HO2 XYP L . 4.54 2.51 19.69
HO3 XYP L . 6.11 6.39 19.36
HO4 XYP L . 7.87 6.90 20.39
#